data_8Q0U
#
_entry.id   8Q0U
#
_cell.length_a   87.565
_cell.length_b   108.606
_cell.length_c   57.525
_cell.angle_alpha   90.00
_cell.angle_beta   90.00
_cell.angle_gamma   90.00
#
_symmetry.space_group_name_H-M   'P 21 21 2'
#
loop_
_entity.id
_entity.type
_entity.pdbx_description
1 polymer 'Polyketide synthase Pks13'
2 non-polymer 'SULFATE ION'
3 non-polymer ~{N}-[(1~{R})-2-[4-(azetidin-1-ylcarbonyl)phenyl]-1-cyano-ethyl]-3-(3,4-dimethoxyphenyl)-1,2,4-oxadiazole-5-carboxamide
4 water water
#
_entity_poly.entity_id   1
_entity_poly.type   'polypeptide(L)'
_entity_poly.pdbx_seq_one_letter_code
;SNAQIDGFVRTLRARPEAGGKVPVFVFHPAGGSTVVYEPLLGRLPADTPMYGFERVEGSIEERAQQYVPKLIEMQGDGPY
VLVGWSLGGVLAYACAIGLRRLGKDVRFVGLIDAVRAGEEIPQTKEEIRKRWDRYAAFAEKTFNVTIPAIPYEQLEELDD
EGQVRFVLDAVSQSGVQIPAGIIEHQRTSYLDNRAIDTAQIQPYDGHVTLYMADRYHDDAIMFEPRYAVRQPDGGWGEYV
SDLEVVPIGGEHIQAIDEPIIAKVGEHMSRALGQIEADRTSEVGKQ
;
_entity_poly.pdbx_strand_id   A,B
#
# COMPACT_ATOMS: atom_id res chain seq x y z
N GLN A 4 25.08 10.85 -26.34
CA GLN A 4 23.92 10.34 -25.49
C GLN A 4 23.14 11.34 -24.68
N ILE A 5 23.70 12.55 -24.52
CA ILE A 5 23.04 13.67 -23.85
C ILE A 5 22.71 14.69 -24.95
N ASP A 6 21.44 15.05 -25.06
CA ASP A 6 21.04 16.08 -25.98
C ASP A 6 20.14 17.03 -25.22
N GLY A 7 20.78 18.09 -24.72
CA GLY A 7 20.06 19.10 -23.91
C GLY A 7 19.70 18.48 -22.56
N PHE A 8 18.39 18.37 -22.25
CA PHE A 8 18.00 17.63 -21.03
C PHE A 8 17.54 16.17 -21.27
N VAL A 9 17.74 15.65 -22.48
CA VAL A 9 17.34 14.30 -22.84
C VAL A 9 18.55 13.38 -23.00
N ARG A 10 18.61 12.39 -22.10
CA ARG A 10 19.57 11.30 -22.16
C ARG A 10 19.04 10.03 -22.82
N THR A 11 19.76 9.53 -23.80
CA THR A 11 19.44 8.25 -24.41
C THR A 11 20.08 7.10 -23.68
N LEU A 12 19.25 6.29 -23.01
CA LEU A 12 19.74 5.12 -22.29
C LEU A 12 19.66 3.90 -23.22
N ARG A 13 18.61 3.79 -24.01
CA ARG A 13 18.55 2.83 -25.16
C ARG A 13 17.68 3.46 -26.28
N ALA A 14 18.33 3.71 -27.39
CA ALA A 14 17.69 4.34 -28.55
C ALA A 14 16.68 3.41 -29.16
N ARG A 15 15.58 4.01 -29.62
CA ARG A 15 14.54 3.26 -30.31
C ARG A 15 15.08 2.92 -31.70
N PRO A 16 14.58 1.83 -32.33
CA PRO A 16 14.84 1.64 -33.77
C PRO A 16 14.36 2.80 -34.64
N GLU A 17 14.85 2.84 -35.88
CA GLU A 17 14.48 3.93 -36.78
C GLU A 17 12.98 4.00 -37.07
N ALA A 18 12.32 2.85 -37.14
CA ALA A 18 10.89 2.76 -37.47
C ALA A 18 10.17 1.84 -36.48
N GLY A 19 8.96 2.22 -36.05
CA GLY A 19 8.09 1.37 -35.19
C GLY A 19 8.78 0.90 -33.90
N GLY A 20 8.68 -0.38 -33.58
CA GLY A 20 9.28 -0.96 -32.35
C GLY A 20 8.46 -0.71 -31.10
N LYS A 21 9.03 -1.10 -29.94
CA LYS A 21 8.33 -1.04 -28.67
C LYS A 21 8.20 0.37 -28.26
N VAL A 22 7.16 0.60 -27.47
CA VAL A 22 6.90 1.91 -26.89
C VAL A 22 8.13 2.26 -25.99
N PRO A 23 8.72 3.45 -26.18
CA PRO A 23 9.76 3.89 -25.24
C PRO A 23 9.26 4.12 -23.80
N VAL A 24 10.16 3.89 -22.84
CA VAL A 24 9.89 4.22 -21.43
C VAL A 24 10.60 5.58 -21.20
N PHE A 25 9.86 6.60 -20.77
CA PHE A 25 10.43 7.87 -20.42
C PHE A 25 10.63 7.91 -18.91
N VAL A 26 11.90 8.12 -18.49
CA VAL A 26 12.22 8.20 -17.06
C VAL A 26 12.67 9.60 -16.66
N PHE A 27 12.40 9.93 -15.43
CA PHE A 27 12.62 11.29 -14.94
C PHE A 27 13.59 11.31 -13.72
N HIS A 28 14.53 12.27 -13.72
CA HIS A 28 15.62 12.26 -12.73
C HIS A 28 15.13 12.41 -11.29
N PRO A 29 15.86 11.81 -10.34
CA PRO A 29 15.65 12.03 -8.89
C PRO A 29 16.38 13.38 -8.48
N ALA A 30 16.02 13.92 -7.33
CA ALA A 30 16.77 15.03 -6.79
C ALA A 30 18.19 14.57 -6.50
N GLY A 31 19.12 15.35 -6.97
CA GLY A 31 20.52 15.07 -6.77
C GLY A 31 21.14 13.92 -7.55
N GLY A 32 20.45 13.43 -8.57
CA GLY A 32 21.01 12.42 -9.46
C GLY A 32 20.53 12.62 -10.89
N SER A 33 21.09 11.85 -11.78
CA SER A 33 20.74 11.91 -13.18
C SER A 33 19.92 10.61 -13.50
N THR A 34 19.54 10.44 -14.76
CA THR A 34 18.78 9.27 -15.16
C THR A 34 19.64 8.03 -15.39
N VAL A 35 20.98 8.11 -15.21
CA VAL A 35 21.84 6.92 -15.19
C VAL A 35 21.40 5.92 -14.09
N VAL A 36 20.71 6.43 -13.06
CA VAL A 36 20.17 5.55 -12.04
C VAL A 36 19.13 4.55 -12.51
N TYR A 37 18.52 4.80 -13.67
CA TYR A 37 17.55 3.84 -14.26
C TYR A 37 18.17 2.69 -15.06
N GLU A 38 19.51 2.60 -15.15
CA GLU A 38 20.11 1.44 -15.82
C GLU A 38 19.73 0.05 -15.26
N PRO A 39 19.75 -0.18 -13.91
CA PRO A 39 19.33 -1.44 -13.41
C PRO A 39 17.89 -1.75 -13.85
N LEU A 40 16.98 -0.78 -13.75
CA LEU A 40 15.60 -1.01 -14.19
C LEU A 40 15.55 -1.42 -15.67
N LEU A 41 16.36 -0.75 -16.49
CA LEU A 41 16.39 -1.03 -17.94
C LEU A 41 16.73 -2.50 -18.22
N GLY A 42 17.68 -3.02 -17.48
CA GLY A 42 18.08 -4.38 -17.55
C GLY A 42 17.05 -5.39 -17.11
N ARG A 43 16.07 -4.97 -16.31
CA ARG A 43 14.93 -5.83 -15.94
C ARG A 43 13.71 -5.72 -16.84
N LEU A 44 13.77 -4.89 -17.88
CA LEU A 44 12.67 -4.67 -18.83
C LEU A 44 12.92 -5.48 -20.07
N PRO A 45 11.89 -5.67 -20.93
CA PRO A 45 12.17 -6.49 -22.06
C PRO A 45 13.25 -5.94 -22.91
N ALA A 46 13.89 -6.87 -23.61
CA ALA A 46 14.92 -6.57 -24.52
C ALA A 46 14.33 -5.61 -25.54
N ASP A 47 15.16 -4.68 -25.98
CA ASP A 47 14.74 -3.73 -26.99
C ASP A 47 13.68 -2.73 -26.61
N THR A 48 13.32 -2.65 -25.31
CA THR A 48 12.53 -1.52 -24.84
C THR A 48 13.41 -0.26 -24.89
N PRO A 49 12.99 0.73 -25.65
CA PRO A 49 13.77 1.98 -25.67
C PRO A 49 13.57 2.72 -24.35
N MET A 50 14.53 3.51 -23.94
CA MET A 50 14.43 4.34 -22.72
C MET A 50 15.13 5.66 -22.90
N TYR A 51 14.43 6.74 -22.63
CA TYR A 51 14.96 8.09 -22.63
C TYR A 51 14.75 8.75 -21.24
N GLY A 52 15.79 9.41 -20.76
CA GLY A 52 15.81 10.07 -19.47
C GLY A 52 15.68 11.54 -19.58
N PHE A 53 14.77 12.12 -18.79
CA PHE A 53 14.71 13.59 -18.67
C PHE A 53 15.45 14.12 -17.42
N GLU A 54 16.44 14.99 -17.66
CA GLU A 54 17.32 15.58 -16.66
C GLU A 54 16.76 16.94 -16.20
N ARG A 55 17.42 17.49 -15.19
CA ARG A 55 17.04 18.65 -14.45
C ARG A 55 16.70 19.89 -15.30
N VAL A 56 15.59 20.56 -14.95
CA VAL A 56 15.26 21.91 -15.42
C VAL A 56 14.80 22.75 -14.26
N GLU A 57 14.79 24.06 -14.45
CA GLU A 57 14.26 24.98 -13.38
C GLU A 57 12.74 25.19 -13.36
N GLY A 58 12.25 25.52 -12.18
CA GLY A 58 10.92 26.01 -11.97
C GLY A 58 10.13 25.20 -10.95
N SER A 59 8.87 25.54 -10.83
CA SER A 59 7.92 24.76 -10.04
C SER A 59 7.76 23.43 -10.81
N ILE A 60 7.16 22.45 -10.16
CA ILE A 60 6.89 21.17 -10.81
C ILE A 60 6.10 21.36 -12.12
N GLU A 61 5.11 22.24 -12.07
CA GLU A 61 4.25 22.52 -13.22
C GLU A 61 5.04 23.16 -14.38
N GLU A 62 5.88 24.14 -14.06
CA GLU A 62 6.80 24.74 -15.02
C GLU A 62 7.83 23.81 -15.59
N ARG A 63 8.31 22.88 -14.78
CA ARG A 63 9.22 21.88 -15.31
C ARG A 63 8.54 21.01 -16.34
N ALA A 64 7.32 20.55 -16.00
CA ALA A 64 6.49 19.73 -16.93
C ALA A 64 6.10 20.47 -18.23
N GLN A 65 5.98 21.78 -18.15
CA GLN A 65 5.75 22.61 -19.33
C GLN A 65 6.98 22.64 -20.24
N GLN A 66 8.17 22.48 -19.69
CA GLN A 66 9.33 22.30 -20.53
C GLN A 66 9.45 20.87 -21.09
N TYR A 67 9.06 19.87 -20.29
CA TYR A 67 9.21 18.49 -20.74
C TYR A 67 8.16 18.05 -21.80
N VAL A 68 6.92 18.48 -21.61
CA VAL A 68 5.80 17.94 -22.36
C VAL A 68 6.02 18.22 -23.90
N PRO A 69 6.45 19.43 -24.29
CA PRO A 69 6.74 19.68 -25.73
C PRO A 69 7.80 18.82 -26.24
N LYS A 70 8.85 18.48 -25.43
CA LYS A 70 9.87 17.54 -25.92
C LYS A 70 9.38 16.08 -26.03
N LEU A 71 8.54 15.69 -25.09
CA LEU A 71 7.92 14.33 -25.10
C LEU A 71 7.14 14.19 -26.47
N ILE A 72 6.36 15.21 -26.79
CA ILE A 72 5.55 15.24 -28.03
C ILE A 72 6.37 15.20 -29.31
N GLU A 73 7.44 16.02 -29.35
CA GLU A 73 8.40 15.91 -30.43
C GLU A 73 8.94 14.48 -30.61
N MET A 74 9.25 13.78 -29.50
CA MET A 74 9.83 12.45 -29.65
C MET A 74 8.80 11.34 -29.94
N GLN A 75 7.59 11.48 -29.44
CA GLN A 75 6.68 10.34 -29.44
C GLN A 75 5.29 10.67 -29.98
N GLY A 76 5.02 11.91 -30.35
CA GLY A 76 3.70 12.24 -30.97
C GLY A 76 2.47 12.00 -30.14
N ASP A 77 1.47 11.34 -30.72
CA ASP A 77 0.19 11.17 -29.98
C ASP A 77 0.24 10.13 -28.80
N GLY A 78 1.24 9.25 -28.84
CA GLY A 78 1.45 8.24 -27.80
C GLY A 78 1.72 6.99 -28.50
N PRO A 79 1.63 5.86 -27.82
CA PRO A 79 1.34 5.78 -26.37
C PRO A 79 2.52 6.27 -25.51
N TYR A 80 2.17 6.94 -24.41
CA TYR A 80 3.15 7.39 -23.42
C TYR A 80 3.26 6.42 -22.24
N VAL A 81 4.52 6.02 -21.97
CA VAL A 81 4.89 5.32 -20.74
C VAL A 81 5.87 6.24 -19.93
N LEU A 82 5.47 6.64 -18.71
CA LEU A 82 6.19 7.64 -17.94
C LEU A 82 6.49 7.07 -16.55
N VAL A 83 7.74 7.17 -16.13
CA VAL A 83 8.25 6.42 -14.94
C VAL A 83 9.21 7.33 -14.18
N GLY A 84 9.10 7.36 -12.84
CA GLY A 84 10.22 7.87 -12.06
C GLY A 84 10.19 7.52 -10.59
N TRP A 85 11.39 7.54 -10.06
CA TRP A 85 11.69 7.34 -8.66
C TRP A 85 11.80 8.72 -7.97
N SER A 86 11.21 8.81 -6.78
CA SER A 86 11.40 9.96 -5.93
C SER A 86 10.84 11.19 -6.65
N LEU A 87 11.57 12.28 -6.71
CA LEU A 87 11.14 13.49 -7.50
C LEU A 87 10.72 13.14 -8.90
N GLY A 88 11.46 12.23 -9.50
CA GLY A 88 11.14 11.78 -10.86
C GLY A 88 9.73 11.24 -11.02
N GLY A 89 9.18 10.61 -10.02
CA GLY A 89 7.79 10.18 -10.07
C GLY A 89 6.79 11.33 -10.06
N VAL A 90 7.06 12.35 -9.23
CA VAL A 90 6.28 13.56 -9.25
C VAL A 90 6.39 14.21 -10.63
N LEU A 91 7.58 14.20 -11.26
CA LEU A 91 7.72 14.81 -12.60
C LEU A 91 6.93 14.01 -13.64
N ALA A 92 7.03 12.69 -13.58
CA ALA A 92 6.33 11.82 -14.56
C ALA A 92 4.84 12.08 -14.47
N TYR A 93 4.34 12.22 -13.24
CA TYR A 93 2.90 12.40 -13.03
C TYR A 93 2.48 13.75 -13.62
N ALA A 94 3.26 14.78 -13.34
CA ALA A 94 2.92 16.13 -13.88
C ALA A 94 2.94 16.12 -15.39
N CYS A 95 3.84 15.37 -16.02
CA CYS A 95 3.86 15.21 -17.47
C CYS A 95 2.65 14.43 -18.01
N ALA A 96 2.25 13.35 -17.32
CA ALA A 96 0.99 12.62 -17.66
C ALA A 96 -0.27 13.56 -17.68
N ILE A 97 -0.35 14.51 -16.74
CA ILE A 97 -1.48 15.42 -16.60
C ILE A 97 -1.45 16.36 -17.77
N GLY A 98 -0.27 16.90 -18.02
CA GLY A 98 -0.03 17.73 -19.19
C GLY A 98 -0.30 17.13 -20.55
N LEU A 99 0.18 15.91 -20.79
CA LEU A 99 -0.14 15.17 -21.98
C LEU A 99 -1.64 14.92 -22.16
N ARG A 100 -2.28 14.51 -21.08
CA ARG A 100 -3.73 14.23 -21.17
C ARG A 100 -4.52 15.46 -21.52
N ARG A 101 -4.11 16.60 -20.98
CA ARG A 101 -4.81 17.84 -21.29
C ARG A 101 -4.72 18.17 -22.77
N LEU A 102 -3.62 17.79 -23.42
CA LEU A 102 -3.47 17.92 -24.85
C LEU A 102 -4.06 16.75 -25.64
N GLY A 103 -4.87 15.90 -25.02
CA GLY A 103 -5.43 14.71 -25.67
C GLY A 103 -4.53 13.58 -26.07
N LYS A 104 -3.32 13.50 -25.51
CA LYS A 104 -2.43 12.39 -25.88
C LYS A 104 -2.80 11.18 -25.06
N ASP A 105 -2.32 10.04 -25.51
CA ASP A 105 -2.69 8.72 -25.03
C ASP A 105 -1.57 8.25 -24.05
N VAL A 106 -1.85 8.40 -22.78
CA VAL A 106 -0.97 7.95 -21.68
C VAL A 106 -1.43 6.59 -21.14
N ARG A 107 -0.62 5.55 -21.28
CA ARG A 107 -1.03 4.19 -20.96
C ARG A 107 -0.41 3.65 -19.69
N PHE A 108 0.66 4.26 -19.19
CA PHE A 108 1.28 3.76 -17.96
C PHE A 108 2.03 4.88 -17.28
N VAL A 109 1.80 5.02 -15.97
CA VAL A 109 2.54 6.01 -15.14
C VAL A 109 3.05 5.19 -13.94
N GLY A 110 4.36 5.10 -13.82
CA GLY A 110 5.00 4.20 -12.81
C GLY A 110 5.70 5.12 -11.86
N LEU A 111 5.27 5.10 -10.60
CA LEU A 111 5.85 5.89 -9.55
C LEU A 111 6.68 4.93 -8.66
N ILE A 112 7.97 5.14 -8.60
CA ILE A 112 8.84 4.27 -7.88
C ILE A 112 9.08 4.89 -6.52
N ASP A 113 8.29 4.45 -5.55
CA ASP A 113 8.24 4.99 -4.17
C ASP A 113 8.16 6.51 -4.07
N ALA A 114 7.29 7.11 -4.91
CA ALA A 114 7.04 8.55 -4.91
C ALA A 114 5.89 8.80 -3.95
N VAL A 115 6.18 8.77 -2.65
CA VAL A 115 5.22 8.65 -1.61
C VAL A 115 5.16 10.02 -0.90
N ARG A 116 3.96 10.56 -0.80
CA ARG A 116 3.78 11.85 -0.10
C ARG A 116 4.17 11.73 1.37
N ALA A 117 4.66 12.83 1.95
CA ALA A 117 4.76 12.96 3.38
C ALA A 117 3.40 12.63 4.01
N GLY A 118 3.39 12.06 5.20
CA GLY A 118 2.15 11.54 5.75
C GLY A 118 1.29 12.62 6.33
N GLU A 119 1.85 13.80 6.53
CA GLU A 119 1.13 15.01 6.90
C GLU A 119 1.54 16.09 5.85
N GLU A 120 0.62 16.95 5.41
CA GLU A 120 0.94 18.09 4.56
C GLU A 120 2.00 19.01 5.20
N ILE A 121 2.90 19.55 4.39
CA ILE A 121 4.00 20.41 4.84
C ILE A 121 3.47 21.81 4.73
N PRO A 122 3.23 22.45 5.89
CA PRO A 122 2.65 23.81 5.79
C PRO A 122 3.57 24.83 5.12
N GLN A 123 3.04 25.76 4.33
CA GLN A 123 3.85 26.77 3.65
C GLN A 123 3.68 28.05 4.44
N THR A 124 4.26 28.07 5.63
CA THR A 124 4.09 29.19 6.57
C THR A 124 5.42 29.71 7.13
N LYS A 125 5.39 30.93 7.64
CA LYS A 125 6.55 31.44 8.36
C LYS A 125 6.92 30.58 9.56
N GLU A 126 5.92 30.10 10.28
CA GLU A 126 6.15 29.29 11.46
C GLU A 126 6.87 28.00 11.07
N GLU A 127 6.47 27.40 9.95
CA GLU A 127 7.17 26.18 9.47
C GLU A 127 8.64 26.50 9.03
N ILE A 128 8.84 27.63 8.39
CA ILE A 128 10.22 28.04 8.03
C ILE A 128 11.14 28.15 9.26
N ARG A 129 10.63 28.79 10.32
N ARG A 129 10.62 28.77 10.31
CA ARG A 129 11.36 28.89 11.58
CA ARG A 129 11.38 28.92 11.53
C ARG A 129 11.67 27.50 12.09
C ARG A 129 11.65 27.54 12.17
N LYS A 130 10.63 26.68 12.24
CA LYS A 130 10.78 25.36 12.80
C LYS A 130 11.82 24.48 12.04
N ARG A 131 11.72 24.51 10.72
CA ARG A 131 12.63 23.82 9.81
C ARG A 131 14.09 24.20 9.99
N TRP A 132 14.36 25.51 9.97
CA TRP A 132 15.72 25.99 10.14
C TRP A 132 16.19 25.78 11.59
N ASP A 133 15.33 25.91 12.61
CA ASP A 133 15.80 25.51 13.98
C ASP A 133 16.25 24.00 14.00
N ARG A 134 15.50 23.14 13.32
CA ARG A 134 15.80 21.74 13.26
C ARG A 134 17.21 21.54 12.62
N TYR A 135 17.33 22.11 11.44
CA TYR A 135 18.51 22.03 10.73
C TYR A 135 19.75 22.56 11.50
N ALA A 136 19.59 23.67 12.22
CA ALA A 136 20.63 24.24 13.04
C ALA A 136 21.06 23.27 14.12
N ALA A 137 20.10 22.63 14.73
CA ALA A 137 20.36 21.70 15.83
C ALA A 137 21.16 20.50 15.29
N PHE A 138 20.79 20.03 14.09
CA PHE A 138 21.54 18.94 13.45
C PHE A 138 23.00 19.41 13.12
N ALA A 139 23.17 20.65 12.69
CA ALA A 139 24.46 21.20 12.43
C ALA A 139 25.35 21.37 13.67
N GLU A 140 24.76 21.77 14.77
CA GLU A 140 25.50 21.87 16.08
C GLU A 140 26.05 20.52 16.51
N LYS A 141 25.24 19.47 16.43
CA LYS A 141 25.66 18.13 16.85
C LYS A 141 26.72 17.55 15.87
N THR A 142 26.47 17.64 14.59
CA THR A 142 27.32 17.02 13.58
C THR A 142 28.70 17.68 13.49
N PHE A 143 28.72 19.01 13.55
CA PHE A 143 29.95 19.78 13.39
C PHE A 143 30.59 20.27 14.70
N ASN A 144 29.94 19.95 15.81
CA ASN A 144 30.36 20.34 17.13
C ASN A 144 30.57 21.85 17.23
N VAL A 145 29.58 22.64 16.78
CA VAL A 145 29.55 24.12 16.87
C VAL A 145 28.29 24.57 17.62
N THR A 146 28.24 25.86 17.94
CA THR A 146 27.00 26.53 18.33
C THR A 146 26.60 27.49 17.22
N ILE A 147 25.32 27.45 16.88
CA ILE A 147 24.75 28.33 15.86
C ILE A 147 24.05 29.43 16.65
N PRO A 148 24.35 30.70 16.32
CA PRO A 148 23.70 31.81 17.00
C PRO A 148 22.26 32.05 16.47
N ALA A 149 21.57 33.03 17.06
CA ALA A 149 20.21 33.34 16.67
C ALA A 149 20.08 33.37 15.14
N ILE A 150 19.08 32.67 14.64
CA ILE A 150 18.85 32.57 13.21
C ILE A 150 18.14 33.82 12.69
N PRO A 151 18.48 34.26 11.48
CA PRO A 151 17.82 35.46 11.01
C PRO A 151 16.51 35.10 10.34
N TYR A 152 15.51 34.82 11.15
CA TYR A 152 14.27 34.25 10.60
C TYR A 152 13.61 35.19 9.56
N GLU A 153 13.65 36.53 9.75
CA GLU A 153 12.98 37.44 8.78
C GLU A 153 13.55 37.28 7.38
N GLN A 154 14.87 37.21 7.30
CA GLN A 154 15.55 37.05 6.03
C GLN A 154 15.22 35.74 5.32
N LEU A 155 15.14 34.67 6.08
CA LEU A 155 14.82 33.35 5.48
C LEU A 155 13.37 33.28 4.99
N GLU A 156 12.46 33.84 5.78
CA GLU A 156 11.08 33.69 5.47
C GLU A 156 10.61 34.54 4.27
N GLU A 157 11.36 35.57 3.90
CA GLU A 157 11.06 36.25 2.64
C GLU A 157 11.66 35.56 1.40
N LEU A 158 12.33 34.40 1.56
CA LEU A 158 12.93 33.70 0.43
C LEU A 158 12.17 32.39 0.13
N ASP A 159 12.16 32.02 -1.15
CA ASP A 159 11.71 30.69 -1.56
C ASP A 159 12.81 29.65 -1.14
N ASP A 160 12.55 28.37 -1.36
CA ASP A 160 13.48 27.35 -0.92
C ASP A 160 14.89 27.51 -1.50
N GLU A 161 15.00 27.81 -2.80
CA GLU A 161 16.30 28.14 -3.40
C GLU A 161 17.03 29.30 -2.71
N GLY A 162 16.34 30.40 -2.50
CA GLY A 162 16.93 31.56 -1.82
C GLY A 162 17.39 31.26 -0.38
N GLN A 163 16.65 30.46 0.37
CA GLN A 163 17.01 30.13 1.76
C GLN A 163 18.31 29.34 1.80
N VAL A 164 18.40 28.30 0.95
CA VAL A 164 19.59 27.41 1.00
C VAL A 164 20.84 28.10 0.45
N ARG A 165 20.67 28.95 -0.55
CA ARG A 165 21.72 29.82 -1.09
C ARG A 165 22.32 30.77 -0.02
N PHE A 166 21.44 31.47 0.69
CA PHE A 166 21.81 32.40 1.78
C PHE A 166 22.62 31.72 2.92
N VAL A 167 22.18 30.52 3.31
CA VAL A 167 22.89 29.72 4.27
C VAL A 167 24.23 29.19 3.76
N LEU A 168 24.27 28.72 2.51
CA LEU A 168 25.55 28.26 1.89
C LEU A 168 26.51 29.46 1.71
N ASP A 169 25.99 30.62 1.29
CA ASP A 169 26.83 31.80 1.15
C ASP A 169 27.42 32.34 2.45
N ALA A 170 26.67 32.21 3.55
CA ALA A 170 27.17 32.59 4.86
C ALA A 170 28.38 31.70 5.25
N VAL A 171 28.22 30.38 5.10
CA VAL A 171 29.28 29.40 5.41
C VAL A 171 30.61 29.66 4.66
N SER A 172 30.48 30.10 3.42
CA SER A 172 31.62 30.38 2.54
C SER A 172 32.23 31.79 2.65
N GLN A 173 31.75 32.64 3.58
CA GLN A 173 32.45 33.90 3.87
C GLN A 173 33.74 33.66 4.71
N SER A 174 33.83 32.52 5.36
CA SER A 174 34.92 32.23 6.28
C SER A 174 35.61 30.88 5.97
N GLY A 175 36.95 30.86 6.01
CA GLY A 175 37.71 29.62 5.82
C GLY A 175 37.90 29.30 4.36
N VAL A 176 38.10 28.04 4.06
CA VAL A 176 38.63 27.71 2.76
C VAL A 176 37.51 27.81 1.75
N GLN A 177 37.87 28.11 0.51
CA GLN A 177 36.89 28.18 -0.58
C GLN A 177 36.36 26.75 -0.93
N ILE A 178 35.07 26.53 -0.73
CA ILE A 178 34.39 25.26 -1.05
C ILE A 178 34.26 25.11 -2.57
N PRO A 179 34.67 23.96 -3.11
CA PRO A 179 34.51 23.75 -4.55
C PRO A 179 33.11 24.02 -5.06
N ALA A 180 33.05 24.60 -6.26
CA ALA A 180 31.78 25.03 -6.86
C ALA A 180 30.83 23.87 -7.09
N GLY A 181 31.35 22.73 -7.54
CA GLY A 181 30.56 21.50 -7.71
C GLY A 181 29.84 21.01 -6.45
N ILE A 182 30.44 21.18 -5.28
CA ILE A 182 29.85 20.69 -4.07
C ILE A 182 28.74 21.63 -3.69
N ILE A 183 28.98 22.94 -3.75
CA ILE A 183 27.93 23.93 -3.40
C ILE A 183 26.74 23.79 -4.35
N GLU A 184 27.02 23.67 -5.63
CA GLU A 184 25.98 23.58 -6.65
C GLU A 184 25.09 22.33 -6.47
N HIS A 185 25.71 21.17 -6.27
CA HIS A 185 25.00 19.94 -6.01
C HIS A 185 24.10 20.08 -4.76
N GLN A 186 24.64 20.59 -3.66
CA GLN A 186 23.81 20.78 -2.43
C GLN A 186 22.65 21.71 -2.69
N ARG A 187 22.85 22.78 -3.42
CA ARG A 187 21.81 23.78 -3.60
C ARG A 187 20.71 23.23 -4.46
N THR A 188 21.10 22.62 -5.56
CA THR A 188 20.10 22.11 -6.46
C THR A 188 19.42 20.82 -5.92
N SER A 189 20.13 19.93 -5.26
CA SER A 189 19.42 18.79 -4.61
C SER A 189 18.34 19.25 -3.60
N TYR A 190 18.71 20.21 -2.76
CA TYR A 190 17.78 20.75 -1.77
C TYR A 190 16.52 21.39 -2.44
N LEU A 191 16.73 22.25 -3.41
CA LEU A 191 15.57 22.96 -3.97
C LEU A 191 14.70 22.02 -4.84
N ASP A 192 15.35 21.07 -5.46
CA ASP A 192 14.59 20.10 -6.31
C ASP A 192 13.68 19.25 -5.39
N ASN A 193 14.23 18.78 -4.28
CA ASN A 193 13.38 18.09 -3.28
C ASN A 193 12.26 18.99 -2.67
N ARG A 194 12.57 20.26 -2.39
CA ARG A 194 11.56 21.15 -1.84
C ARG A 194 10.47 21.58 -2.87
N ALA A 195 10.77 21.47 -4.17
CA ALA A 195 9.79 21.80 -5.22
C ALA A 195 8.53 20.93 -5.10
N ILE A 196 8.70 19.73 -4.58
CA ILE A 196 7.58 18.81 -4.35
C ILE A 196 6.54 19.36 -3.39
N ASP A 197 6.96 20.07 -2.34
CA ASP A 197 6.05 20.46 -1.29
C ASP A 197 4.90 21.31 -1.81
N THR A 198 5.17 22.14 -2.82
CA THR A 198 4.13 22.95 -3.42
C THR A 198 3.56 22.44 -4.79
N ALA A 199 3.85 21.21 -5.17
CA ALA A 199 3.24 20.60 -6.33
C ALA A 199 1.71 20.75 -6.20
N GLN A 200 1.08 21.19 -7.28
CA GLN A 200 -0.38 21.33 -7.31
C GLN A 200 -0.89 20.10 -8.05
N ILE A 201 -1.27 19.06 -7.29
CA ILE A 201 -1.53 17.77 -7.87
C ILE A 201 -2.92 17.80 -8.46
N GLN A 202 -3.03 17.43 -9.73
CA GLN A 202 -4.31 17.40 -10.43
C GLN A 202 -4.81 15.99 -10.61
N PRO A 203 -6.14 15.80 -10.58
CA PRO A 203 -6.61 14.46 -10.74
C PRO A 203 -6.18 13.88 -12.05
N TYR A 204 -6.02 12.57 -12.09
CA TYR A 204 -5.59 11.88 -13.32
C TYR A 204 -6.56 10.74 -13.52
N ASP A 205 -6.97 10.59 -14.76
CA ASP A 205 -8.06 9.71 -15.21
C ASP A 205 -7.57 8.38 -15.73
N GLY A 206 -6.27 8.15 -15.76
CA GLY A 206 -5.72 6.82 -16.15
C GLY A 206 -5.10 6.00 -14.99
N HIS A 207 -4.40 4.97 -15.38
CA HIS A 207 -3.91 3.97 -14.45
C HIS A 207 -2.57 4.46 -13.97
N VAL A 208 -2.42 4.52 -12.64
CA VAL A 208 -1.11 4.83 -12.02
C VAL A 208 -0.68 3.63 -11.22
N THR A 209 0.60 3.26 -11.35
CA THR A 209 1.14 2.17 -10.57
C THR A 209 2.18 2.72 -9.59
N LEU A 210 1.97 2.53 -8.30
CA LEU A 210 2.89 3.04 -7.29
C LEU A 210 3.60 1.89 -6.64
N TYR A 211 4.89 1.77 -6.95
CA TYR A 211 5.74 0.78 -6.35
C TYR A 211 6.08 1.32 -4.92
N MET A 212 5.66 0.63 -3.85
CA MET A 212 5.71 1.18 -2.51
C MET A 212 6.65 0.47 -1.61
N ALA A 213 7.71 1.14 -1.20
CA ALA A 213 8.64 0.59 -0.22
C ALA A 213 7.96 0.59 1.17
N ASP A 214 8.66 0.05 2.12
CA ASP A 214 8.21 0.08 3.51
C ASP A 214 8.33 1.45 4.20
N ARG A 215 9.35 2.25 3.91
CA ARG A 215 9.60 3.47 4.64
C ARG A 215 10.57 4.33 3.91
N TYR A 216 10.53 5.61 4.23
CA TYR A 216 11.62 6.48 3.96
C TYR A 216 12.85 6.13 4.80
N HIS A 217 14.02 6.26 4.19
CA HIS A 217 15.30 6.19 4.89
C HIS A 217 15.51 7.41 5.82
N ASP A 218 16.42 7.27 6.75
CA ASP A 218 16.62 8.25 7.78
C ASP A 218 16.98 9.64 7.26
N ASP A 219 17.85 9.75 6.25
CA ASP A 219 18.19 11.07 5.70
C ASP A 219 17.01 11.84 5.12
N ALA A 220 16.03 11.13 4.57
CA ALA A 220 14.80 11.75 4.13
C ALA A 220 14.02 12.34 5.33
N ILE A 221 13.99 11.58 6.41
CA ILE A 221 13.24 11.95 7.59
C ILE A 221 13.96 13.16 8.28
N MET A 222 15.30 13.19 8.29
CA MET A 222 16.04 14.37 8.75
C MET A 222 15.79 15.60 7.89
N PHE A 223 15.71 15.41 6.56
CA PHE A 223 15.34 16.49 5.70
C PHE A 223 13.94 17.02 6.01
N GLU A 224 12.97 16.13 6.15
CA GLU A 224 11.59 16.53 6.43
C GLU A 224 10.92 15.47 7.28
N PRO A 225 10.68 15.77 8.57
CA PRO A 225 10.18 14.73 9.48
C PRO A 225 8.83 14.17 9.11
N ARG A 226 8.05 14.84 8.29
CA ARG A 226 6.75 14.28 7.97
C ARG A 226 6.86 13.03 7.05
N TYR A 227 8.07 12.74 6.52
CA TYR A 227 8.33 11.51 5.72
C TYR A 227 8.47 10.29 6.64
N ALA A 228 8.45 10.48 7.97
CA ALA A 228 8.41 9.33 8.91
C ALA A 228 7.13 8.51 8.86
N VAL A 229 6.07 9.09 8.36
CA VAL A 229 4.78 8.46 8.31
C VAL A 229 4.31 8.43 6.87
N ARG A 230 3.66 7.34 6.49
CA ARG A 230 3.11 7.17 5.14
C ARG A 230 1.75 6.54 5.17
N GLN A 231 0.89 6.97 4.23
CA GLN A 231 -0.49 6.51 4.11
C GLN A 231 -0.53 5.31 3.14
N PRO A 232 -1.56 4.43 3.28
CA PRO A 232 -1.68 3.25 2.36
C PRO A 232 -1.68 3.61 0.86
N ASP A 233 -2.24 4.75 0.51
CA ASP A 233 -2.26 5.21 -0.89
C ASP A 233 -1.11 6.14 -1.27
N GLY A 234 -0.16 6.35 -0.36
CA GLY A 234 0.98 7.21 -0.56
C GLY A 234 0.64 8.66 -0.81
N GLY A 235 -0.56 9.07 -0.44
CA GLY A 235 -1.08 10.38 -0.82
C GLY A 235 -1.68 10.55 -2.19
N TRP A 236 -1.88 9.45 -2.94
CA TRP A 236 -2.37 9.56 -4.31
C TRP A 236 -3.85 9.30 -4.51
N GLY A 237 -4.49 8.73 -3.50
CA GLY A 237 -5.84 8.18 -3.63
C GLY A 237 -6.96 9.15 -4.05
N GLU A 238 -6.96 10.33 -3.47
CA GLU A 238 -7.96 11.33 -3.79
C GLU A 238 -7.84 11.82 -5.24
N TYR A 239 -6.61 11.76 -5.79
CA TYR A 239 -6.30 12.22 -7.15
C TYR A 239 -6.37 11.16 -8.17
N VAL A 240 -6.17 9.92 -7.78
CA VAL A 240 -6.17 8.85 -8.77
C VAL A 240 -7.17 7.76 -8.38
N SER A 241 -8.29 7.67 -9.08
CA SER A 241 -9.26 6.60 -8.77
C SER A 241 -8.75 5.22 -9.20
N ASP A 242 -8.02 5.18 -10.30
CA ASP A 242 -7.46 3.96 -10.81
C ASP A 242 -5.94 3.76 -10.42
N LEU A 243 -5.73 3.57 -9.12
CA LEU A 243 -4.44 3.43 -8.50
C LEU A 243 -4.17 1.98 -8.10
N GLU A 244 -3.01 1.48 -8.50
CA GLU A 244 -2.52 0.16 -8.14
C GLU A 244 -1.23 0.42 -7.29
N VAL A 245 -1.15 -0.25 -6.15
CA VAL A 245 0.05 -0.24 -5.29
C VAL A 245 0.70 -1.60 -5.34
N VAL A 246 2.03 -1.61 -5.67
CA VAL A 246 2.79 -2.84 -5.73
C VAL A 246 3.81 -2.76 -4.60
N PRO A 247 3.53 -3.42 -3.49
CA PRO A 247 4.57 -3.36 -2.43
C PRO A 247 5.90 -3.99 -2.83
N ILE A 248 6.98 -3.31 -2.48
CA ILE A 248 8.34 -3.78 -2.87
C ILE A 248 9.32 -3.97 -1.70
N GLY A 249 8.91 -3.56 -0.51
CA GLY A 249 9.72 -3.61 0.73
C GLY A 249 10.88 -2.62 0.68
N GLY A 250 11.77 -2.73 1.67
CA GLY A 250 12.98 -1.90 1.79
C GLY A 250 12.72 -0.43 2.09
N GLU A 251 13.75 0.34 1.89
CA GLU A 251 13.71 1.77 2.19
C GLU A 251 13.68 2.48 0.82
N HIS A 252 13.13 3.67 0.81
CA HIS A 252 13.06 4.54 -0.43
C HIS A 252 14.34 4.56 -1.22
N ILE A 253 15.46 4.77 -0.52
CA ILE A 253 16.73 4.90 -1.16
C ILE A 253 17.17 3.62 -1.92
N GLN A 254 16.71 2.47 -1.47
CA GLN A 254 17.04 1.20 -2.07
C GLN A 254 16.11 0.78 -3.23
N ALA A 255 14.98 1.46 -3.39
CA ALA A 255 13.95 1.07 -4.37
C ALA A 255 14.48 1.06 -5.83
N ILE A 256 15.49 1.88 -6.12
CA ILE A 256 15.98 2.10 -7.50
C ILE A 256 17.02 1.04 -7.92
N ASP A 257 17.55 0.33 -6.93
CA ASP A 257 18.67 -0.59 -7.09
C ASP A 257 18.31 -2.06 -7.00
N GLU A 258 19.19 -2.91 -7.56
CA GLU A 258 19.06 -4.35 -7.33
C GLU A 258 19.28 -4.54 -5.81
N PRO A 259 18.60 -5.47 -5.13
CA PRO A 259 17.65 -6.44 -5.73
C PRO A 259 16.27 -5.97 -5.87
N ILE A 260 15.86 -4.91 -5.14
CA ILE A 260 14.46 -4.41 -5.12
C ILE A 260 13.93 -4.05 -6.54
N ILE A 261 14.79 -3.49 -7.39
CA ILE A 261 14.38 -3.05 -8.72
C ILE A 261 13.93 -4.25 -9.56
N ALA A 262 14.36 -5.47 -9.22
CA ALA A 262 13.86 -6.64 -9.91
C ALA A 262 12.36 -6.86 -9.73
N LYS A 263 11.81 -6.53 -8.55
CA LYS A 263 10.33 -6.68 -8.38
C LYS A 263 9.63 -5.67 -9.22
N VAL A 264 10.19 -4.45 -9.26
CA VAL A 264 9.61 -3.38 -10.05
C VAL A 264 9.60 -3.77 -11.55
N GLY A 265 10.76 -4.19 -12.04
CA GLY A 265 10.96 -4.60 -13.43
C GLY A 265 10.12 -5.80 -13.87
N GLU A 266 9.98 -6.79 -12.99
CA GLU A 266 9.09 -7.94 -13.28
C GLU A 266 7.66 -7.46 -13.51
N HIS A 267 7.18 -6.58 -12.63
CA HIS A 267 5.87 -6.06 -12.74
C HIS A 267 5.67 -5.17 -14.00
N MET A 268 6.55 -4.21 -14.15
CA MET A 268 6.54 -3.32 -15.29
C MET A 268 6.62 -4.02 -16.62
N SER A 269 7.42 -5.09 -16.68
CA SER A 269 7.54 -5.89 -17.90
C SER A 269 6.16 -6.48 -18.31
N ARG A 270 5.36 -6.93 -17.35
CA ARG A 270 4.01 -7.49 -17.61
C ARG A 270 3.13 -6.37 -18.13
N ALA A 271 3.21 -5.20 -17.52
CA ALA A 271 2.42 -4.09 -17.98
C ALA A 271 2.78 -3.66 -19.37
N LEU A 272 4.06 -3.62 -19.69
CA LEU A 272 4.50 -3.29 -21.02
C LEU A 272 4.08 -4.35 -22.03
N GLY A 273 4.24 -5.62 -21.66
CA GLY A 273 3.73 -6.73 -22.48
C GLY A 273 2.31 -6.54 -22.90
N GLN A 274 1.44 -6.16 -21.94
CA GLN A 274 -0.01 -5.89 -22.21
C GLN A 274 -0.24 -4.74 -23.14
N ILE A 275 0.50 -3.67 -22.93
CA ILE A 275 0.45 -2.53 -23.84
C ILE A 275 0.81 -2.93 -25.28
N GLU A 276 1.92 -3.66 -25.49
CA GLU A 276 2.36 -4.05 -26.85
C GLU A 276 1.33 -5.03 -27.49
N ALA A 277 0.78 -5.94 -26.69
CA ALA A 277 -0.30 -6.82 -27.17
C ALA A 277 -1.50 -6.00 -27.66
N ASP A 278 -1.99 -5.05 -26.86
CA ASP A 278 -3.14 -4.20 -27.27
C ASP A 278 -2.88 -3.41 -28.56
N ARG A 279 -1.63 -3.19 -28.92
CA ARG A 279 -1.34 -2.54 -30.20
C ARG A 279 -1.53 -3.53 -31.35
N THR A 280 -0.95 -4.73 -31.23
CA THR A 280 -1.07 -5.81 -32.24
C THR A 280 -2.45 -6.46 -32.23
N GLN B 4 -30.49 -23.74 2.18
CA GLN B 4 -29.38 -22.75 1.92
C GLN B 4 -28.06 -23.06 2.60
N ILE B 5 -28.12 -23.72 3.77
CA ILE B 5 -26.95 -24.18 4.50
C ILE B 5 -26.84 -25.70 4.54
N ASP B 6 -25.65 -26.20 4.22
CA ASP B 6 -25.32 -27.57 4.45
C ASP B 6 -23.97 -27.69 5.17
N GLY B 7 -24.04 -28.22 6.39
CA GLY B 7 -22.94 -28.20 7.35
C GLY B 7 -22.45 -26.77 7.53
N PHE B 8 -21.24 -26.48 7.08
CA PHE B 8 -20.71 -25.11 7.22
C PHE B 8 -20.68 -24.35 5.86
N VAL B 9 -21.26 -24.91 4.80
CA VAL B 9 -21.29 -24.29 3.48
C VAL B 9 -22.66 -23.65 3.21
N ARG B 10 -22.65 -22.36 2.93
CA ARG B 10 -23.85 -21.61 2.59
C ARG B 10 -23.82 -21.36 1.10
N THR B 11 -24.90 -21.68 0.42
CA THR B 11 -24.97 -21.44 -0.99
C THR B 11 -25.55 -20.06 -1.20
N LEU B 12 -24.73 -19.08 -1.60
CA LEU B 12 -25.27 -17.75 -1.96
C LEU B 12 -25.78 -17.78 -3.40
N ARG B 13 -25.07 -18.46 -4.29
CA ARG B 13 -25.58 -18.70 -5.63
C ARG B 13 -24.99 -19.99 -6.12
N ALA B 14 -25.86 -20.93 -6.41
CA ALA B 14 -25.45 -22.25 -6.82
C ALA B 14 -24.80 -22.27 -8.21
N ARG B 15 -23.80 -23.09 -8.45
CA ARG B 15 -23.27 -23.26 -9.80
C ARG B 15 -24.23 -24.23 -10.54
N PRO B 16 -24.50 -23.97 -11.83
CA PRO B 16 -25.27 -24.96 -12.59
C PRO B 16 -24.58 -26.36 -12.65
N GLU B 17 -25.37 -27.45 -12.67
CA GLU B 17 -24.83 -28.86 -12.80
C GLU B 17 -23.63 -29.12 -13.74
N ALA B 18 -23.49 -28.36 -14.82
CA ALA B 18 -22.31 -28.44 -15.68
C ALA B 18 -21.92 -27.08 -16.20
N GLY B 19 -20.63 -26.94 -16.54
CA GLY B 19 -20.07 -25.70 -17.07
C GLY B 19 -20.41 -24.53 -16.13
N GLY B 20 -20.48 -23.34 -16.69
CA GLY B 20 -20.73 -22.16 -15.88
C GLY B 20 -19.43 -21.57 -15.44
N LYS B 21 -19.59 -20.42 -14.80
CA LYS B 21 -18.52 -19.59 -14.39
C LYS B 21 -17.86 -20.17 -13.14
N VAL B 22 -16.62 -19.76 -12.92
CA VAL B 22 -15.82 -20.31 -11.81
C VAL B 22 -16.42 -19.79 -10.51
N PRO B 23 -16.65 -20.67 -9.50
CA PRO B 23 -17.26 -20.16 -8.27
C PRO B 23 -16.28 -19.30 -7.49
N VAL B 24 -16.85 -18.32 -6.79
CA VAL B 24 -16.17 -17.59 -5.75
C VAL B 24 -16.50 -18.22 -4.38
N PHE B 25 -15.44 -18.56 -3.66
CA PHE B 25 -15.59 -19.03 -2.28
C PHE B 25 -15.28 -17.87 -1.33
N VAL B 26 -16.20 -17.63 -0.39
CA VAL B 26 -16.05 -16.53 0.57
C VAL B 26 -16.04 -17.09 1.97
N PHE B 27 -15.43 -16.38 2.90
CA PHE B 27 -15.24 -16.89 4.29
C PHE B 27 -15.80 -15.86 5.29
N HIS B 28 -16.47 -16.37 6.30
CA HIS B 28 -17.15 -15.51 7.25
C HIS B 28 -16.18 -14.60 8.04
N PRO B 29 -16.65 -13.42 8.44
CA PRO B 29 -15.95 -12.51 9.29
C PRO B 29 -16.29 -12.86 10.74
N ALA B 30 -15.49 -12.38 11.69
CA ALA B 30 -15.82 -12.62 13.08
C ALA B 30 -17.18 -11.97 13.41
N GLY B 31 -18.08 -12.73 14.05
CA GLY B 31 -19.38 -12.19 14.53
C GLY B 31 -20.39 -12.13 13.42
N GLY B 32 -20.03 -12.68 12.26
CA GLY B 32 -20.84 -12.48 11.03
C GLY B 32 -21.04 -13.76 10.25
N SER B 33 -22.00 -13.70 9.32
CA SER B 33 -22.26 -14.74 8.38
C SER B 33 -21.75 -14.33 6.99
N THR B 34 -21.69 -15.30 6.08
CA THR B 34 -21.32 -15.01 4.68
C THR B 34 -22.44 -14.33 3.90
N VAL B 35 -23.62 -14.11 4.50
CA VAL B 35 -24.66 -13.22 3.89
C VAL B 35 -24.12 -11.82 3.72
N VAL B 36 -23.12 -11.47 4.50
CA VAL B 36 -22.42 -10.19 4.36
C VAL B 36 -21.85 -9.94 2.95
N TYR B 37 -21.56 -11.01 2.17
CA TYR B 37 -21.02 -10.85 0.81
C TYR B 37 -22.02 -10.61 -0.29
N GLU B 38 -23.31 -10.55 0.07
CA GLU B 38 -24.29 -10.39 -0.96
C GLU B 38 -24.13 -9.02 -1.76
N PRO B 39 -23.83 -7.90 -1.10
CA PRO B 39 -23.55 -6.67 -1.83
C PRO B 39 -22.35 -6.88 -2.82
N LEU B 40 -21.26 -7.53 -2.38
CA LEU B 40 -20.16 -7.85 -3.30
C LEU B 40 -20.65 -8.68 -4.52
N LEU B 41 -21.43 -9.74 -4.25
CA LEU B 41 -21.91 -10.58 -5.30
C LEU B 41 -22.73 -9.78 -6.35
N GLY B 42 -23.51 -8.79 -5.90
CA GLY B 42 -24.21 -7.85 -6.83
C GLY B 42 -23.27 -7.04 -7.72
N ARG B 43 -21.99 -6.90 -7.32
CA ARG B 43 -20.99 -6.21 -8.07
C ARG B 43 -20.03 -7.08 -8.91
N LEU B 44 -20.25 -8.39 -8.88
CA LEU B 44 -19.52 -9.35 -9.63
C LEU B 44 -20.29 -9.72 -10.90
N PRO B 45 -19.63 -10.43 -11.80
CA PRO B 45 -20.27 -10.65 -13.10
C PRO B 45 -21.52 -11.46 -12.96
N ALA B 46 -22.50 -11.19 -13.81
CA ALA B 46 -23.75 -11.99 -13.88
C ALA B 46 -23.51 -13.49 -13.75
N ASP B 47 -24.33 -14.14 -12.92
CA ASP B 47 -24.33 -15.62 -12.84
C ASP B 47 -23.08 -16.25 -12.23
N THR B 48 -22.23 -15.42 -11.60
CA THR B 48 -21.11 -15.95 -10.80
C THR B 48 -21.61 -16.78 -9.60
N PRO B 49 -21.26 -18.09 -9.55
CA PRO B 49 -21.56 -18.86 -8.34
C PRO B 49 -20.77 -18.36 -7.12
N MET B 50 -21.37 -18.53 -5.96
CA MET B 50 -20.71 -18.16 -4.73
C MET B 50 -21.17 -19.07 -3.61
N TYR B 51 -20.18 -19.56 -2.89
CA TYR B 51 -20.43 -20.39 -1.70
C TYR B 51 -19.70 -19.78 -0.52
N GLY B 52 -20.34 -19.78 0.64
CA GLY B 52 -19.72 -19.20 1.84
C GLY B 52 -19.40 -20.28 2.83
N PHE B 53 -18.24 -20.13 3.48
CA PHE B 53 -17.81 -21.02 4.52
C PHE B 53 -18.01 -20.34 5.89
N GLU B 54 -18.85 -20.95 6.71
CA GLU B 54 -19.20 -20.38 8.01
C GLU B 54 -18.29 -21.00 9.06
N ARG B 55 -18.51 -20.60 10.31
CA ARG B 55 -17.57 -20.82 11.37
C ARG B 55 -17.41 -22.31 11.72
N VAL B 56 -16.18 -22.71 11.91
CA VAL B 56 -15.80 -23.97 12.53
C VAL B 56 -14.78 -23.71 13.62
N GLU B 57 -14.50 -24.76 14.43
CA GLU B 57 -13.66 -24.65 15.62
C GLU B 57 -12.19 -24.79 15.26
N GLY B 58 -11.31 -24.23 16.09
CA GLY B 58 -9.87 -24.48 15.96
C GLY B 58 -9.03 -23.25 15.78
N SER B 59 -7.72 -23.50 15.76
CA SER B 59 -6.78 -22.51 15.30
C SER B 59 -7.08 -22.25 13.81
N ILE B 60 -6.52 -21.18 13.27
CA ILE B 60 -6.72 -20.83 11.87
C ILE B 60 -6.30 -22.00 11.01
N GLU B 61 -5.15 -22.63 11.33
CA GLU B 61 -4.67 -23.76 10.53
C GLU B 61 -5.63 -24.95 10.65
N GLU B 62 -6.20 -25.21 11.83
CA GLU B 62 -7.17 -26.29 11.96
C GLU B 62 -8.51 -26.03 11.23
N ARG B 63 -8.93 -24.77 11.18
CA ARG B 63 -10.12 -24.43 10.42
C ARG B 63 -9.90 -24.70 8.93
N ALA B 64 -8.74 -24.31 8.44
CA ALA B 64 -8.39 -24.49 7.06
C ALA B 64 -8.27 -26.00 6.70
N GLN B 65 -7.79 -26.81 7.65
CA GLN B 65 -7.80 -28.24 7.49
C GLN B 65 -9.20 -28.86 7.39
N GLN B 66 -10.27 -28.22 7.86
CA GLN B 66 -11.61 -28.68 7.63
C GLN B 66 -12.15 -28.10 6.36
N TYR B 67 -11.81 -26.84 6.06
CA TYR B 67 -12.35 -26.22 4.84
C TYR B 67 -11.76 -26.79 3.54
N VAL B 68 -10.48 -27.07 3.53
CA VAL B 68 -9.77 -27.45 2.28
C VAL B 68 -10.32 -28.76 1.70
N PRO B 69 -10.55 -29.84 2.53
CA PRO B 69 -11.17 -31.01 1.96
C PRO B 69 -12.56 -30.75 1.31
N LYS B 70 -13.41 -29.89 1.91
CA LYS B 70 -14.66 -29.44 1.31
C LYS B 70 -14.52 -28.66 0.01
N LEU B 71 -13.59 -27.71 -0.01
CA LEU B 71 -13.22 -26.98 -1.24
C LEU B 71 -12.92 -27.93 -2.41
N ILE B 72 -12.06 -28.90 -2.12
CA ILE B 72 -11.64 -29.90 -3.16
C ILE B 72 -12.84 -30.77 -3.59
N GLU B 73 -13.69 -31.14 -2.66
CA GLU B 73 -14.92 -31.83 -3.03
C GLU B 73 -15.75 -31.02 -3.99
N MET B 74 -15.85 -29.70 -3.74
CA MET B 74 -16.60 -28.82 -4.62
C MET B 74 -15.95 -28.41 -5.96
N GLN B 75 -14.62 -28.25 -5.98
CA GLN B 75 -13.96 -27.64 -7.13
C GLN B 75 -12.75 -28.43 -7.75
N GLY B 76 -12.45 -29.59 -7.17
CA GLY B 76 -11.48 -30.56 -7.75
C GLY B 76 -10.11 -29.90 -7.92
N ASP B 77 -9.63 -30.05 -9.16
CA ASP B 77 -8.43 -29.48 -9.70
C ASP B 77 -8.88 -28.40 -10.69
N GLY B 78 -10.03 -27.75 -10.43
CA GLY B 78 -10.48 -26.58 -11.21
C GLY B 78 -9.81 -25.38 -10.55
N PRO B 79 -9.92 -24.19 -11.15
CA PRO B 79 -9.21 -23.07 -10.52
C PRO B 79 -9.93 -22.56 -9.28
N TYR B 80 -9.17 -22.17 -8.28
CA TYR B 80 -9.72 -21.67 -7.03
C TYR B 80 -9.65 -20.17 -6.93
N VAL B 81 -10.79 -19.62 -6.51
CA VAL B 81 -10.95 -18.21 -6.23
C VAL B 81 -11.47 -18.07 -4.80
N LEU B 82 -10.70 -17.38 -3.95
CA LEU B 82 -10.92 -17.34 -2.52
C LEU B 82 -10.94 -15.92 -2.07
N VAL B 83 -12.03 -15.51 -1.42
CA VAL B 83 -12.24 -14.13 -1.02
C VAL B 83 -12.71 -14.00 0.41
N GLY B 84 -12.15 -12.99 1.09
CA GLY B 84 -12.61 -12.70 2.43
C GLY B 84 -12.37 -11.36 2.92
N TRP B 85 -13.33 -10.84 3.70
CA TRP B 85 -13.20 -9.61 4.48
C TRP B 85 -12.87 -9.91 5.95
N SER B 86 -11.93 -9.13 6.52
CA SER B 86 -11.60 -9.20 7.95
C SER B 86 -11.05 -10.60 8.25
N LEU B 87 -11.55 -11.28 9.28
CA LEU B 87 -11.18 -12.67 9.56
C LEU B 87 -11.33 -13.57 8.33
N GLY B 88 -12.37 -13.29 7.54
CA GLY B 88 -12.61 -14.06 6.34
C GLY B 88 -11.37 -14.02 5.40
N GLY B 89 -10.69 -12.88 5.33
CA GLY B 89 -9.47 -12.82 4.47
C GLY B 89 -8.34 -13.68 4.99
N VAL B 90 -8.16 -13.72 6.31
CA VAL B 90 -7.17 -14.61 6.93
C VAL B 90 -7.53 -16.05 6.65
N LEU B 91 -8.79 -16.38 6.77
CA LEU B 91 -9.23 -17.77 6.49
C LEU B 91 -9.00 -18.10 5.02
N ALA B 92 -9.36 -17.21 4.14
CA ALA B 92 -9.14 -17.48 2.68
C ALA B 92 -7.65 -17.74 2.40
N TYR B 93 -6.77 -16.93 3.00
CA TYR B 93 -5.32 -17.07 2.80
C TYR B 93 -4.88 -18.41 3.33
N ALA B 94 -5.39 -18.79 4.50
CA ALA B 94 -4.99 -20.10 5.05
C ALA B 94 -5.46 -21.23 4.17
N CYS B 95 -6.62 -21.05 3.51
CA CYS B 95 -7.10 -22.10 2.53
C CYS B 95 -6.22 -22.11 1.30
N ALA B 96 -5.77 -20.93 0.85
CA ALA B 96 -4.91 -20.86 -0.37
C ALA B 96 -3.57 -21.62 -0.11
N ILE B 97 -3.01 -21.41 1.10
CA ILE B 97 -1.78 -22.09 1.52
C ILE B 97 -2.04 -23.60 1.56
N GLY B 98 -3.14 -24.01 2.16
CA GLY B 98 -3.50 -25.42 2.27
C GLY B 98 -3.73 -26.10 0.91
N LEU B 99 -4.45 -25.41 0.02
CA LEU B 99 -4.67 -25.84 -1.37
C LEU B 99 -3.35 -25.93 -2.17
N ARG B 100 -2.44 -24.95 -2.01
CA ARG B 100 -1.09 -25.07 -2.60
C ARG B 100 -0.22 -26.21 -2.04
N ARG B 101 -0.35 -26.53 -0.75
CA ARG B 101 0.30 -27.73 -0.14
C ARG B 101 -0.18 -28.99 -0.81
N LEU B 102 -1.41 -28.97 -1.30
CA LEU B 102 -2.00 -30.08 -2.06
C LEU B 102 -1.90 -29.99 -3.56
N GLY B 103 -1.07 -29.08 -4.05
CA GLY B 103 -0.83 -28.96 -5.48
C GLY B 103 -1.92 -28.37 -6.35
N LYS B 104 -2.90 -27.66 -5.79
CA LYS B 104 -4.07 -27.20 -6.58
C LYS B 104 -3.84 -25.85 -7.18
N ASP B 105 -4.66 -25.54 -8.14
CA ASP B 105 -4.51 -24.35 -8.92
C ASP B 105 -5.32 -23.19 -8.31
N VAL B 106 -4.62 -22.34 -7.58
CA VAL B 106 -5.27 -21.24 -6.92
C VAL B 106 -4.94 -20.01 -7.77
N ARG B 107 -5.97 -19.39 -8.32
CA ARG B 107 -5.84 -18.30 -9.27
C ARG B 107 -6.14 -16.92 -8.80
N PHE B 108 -6.88 -16.77 -7.68
CA PHE B 108 -7.16 -15.44 -7.14
C PHE B 108 -7.42 -15.57 -5.64
N VAL B 109 -6.82 -14.66 -4.88
CA VAL B 109 -7.08 -14.53 -3.43
C VAL B 109 -7.32 -13.06 -3.19
N GLY B 110 -8.57 -12.75 -2.79
CA GLY B 110 -9.00 -11.40 -2.59
C GLY B 110 -9.19 -11.12 -1.13
N LEU B 111 -8.35 -10.26 -0.55
CA LEU B 111 -8.42 -9.94 0.82
C LEU B 111 -9.10 -8.58 0.90
N ILE B 112 -10.29 -8.49 1.48
CA ILE B 112 -10.96 -7.21 1.62
C ILE B 112 -10.61 -6.62 2.96
N ASP B 113 -9.63 -5.72 2.93
CA ASP B 113 -9.03 -5.07 4.14
C ASP B 113 -8.66 -6.00 5.28
N ALA B 114 -8.06 -7.13 4.92
CA ALA B 114 -7.50 -8.04 5.93
C ALA B 114 -6.07 -7.64 6.23
N VAL B 115 -5.91 -6.65 7.11
CA VAL B 115 -4.66 -5.93 7.27
C VAL B 115 -4.14 -6.29 8.64
N ARG B 116 -2.91 -6.76 8.70
CA ARG B 116 -2.33 -7.21 9.96
C ARG B 116 -2.16 -6.01 10.84
N ALA B 117 -2.20 -6.22 12.15
CA ALA B 117 -1.88 -5.21 13.13
C ALA B 117 -0.47 -4.72 12.82
N GLY B 118 -0.22 -3.43 13.05
CA GLY B 118 1.07 -2.85 12.71
C GLY B 118 2.25 -3.40 13.44
N GLU B 119 2.04 -4.06 14.57
CA GLU B 119 3.10 -4.72 15.30
C GLU B 119 2.60 -6.05 15.81
N GLU B 120 3.50 -7.01 16.03
CA GLU B 120 3.10 -8.30 16.61
C GLU B 120 2.39 -8.09 17.93
N ILE B 121 1.36 -8.89 18.17
CA ILE B 121 0.72 -8.93 19.47
C ILE B 121 1.55 -9.88 20.34
N PRO B 122 2.16 -9.37 21.42
CA PRO B 122 3.02 -10.27 22.19
C PRO B 122 2.23 -11.36 22.89
N GLN B 123 2.80 -12.55 22.93
CA GLN B 123 2.17 -13.68 23.58
C GLN B 123 2.78 -13.88 24.99
N THR B 124 2.59 -12.88 25.82
CA THR B 124 3.17 -12.84 27.15
C THR B 124 2.09 -12.79 28.19
N LYS B 125 2.49 -13.20 29.40
CA LYS B 125 1.70 -13.01 30.56
C LYS B 125 1.49 -11.53 30.80
N GLU B 126 2.53 -10.72 30.59
CA GLU B 126 2.41 -9.23 30.63
C GLU B 126 1.27 -8.67 29.75
N GLU B 127 1.19 -9.10 28.49
CA GLU B 127 0.12 -8.60 27.57
C GLU B 127 -1.28 -9.00 28.03
N ILE B 128 -1.42 -10.24 28.49
CA ILE B 128 -2.71 -10.72 28.99
C ILE B 128 -3.19 -9.76 30.11
N ARG B 129 -2.31 -9.39 31.07
CA ARG B 129 -2.74 -8.46 32.16
C ARG B 129 -3.15 -7.12 31.60
N LYS B 130 -2.27 -6.54 30.79
CA LYS B 130 -2.54 -5.23 30.18
C LYS B 130 -3.87 -5.21 29.44
N ARG B 131 -4.07 -6.25 28.62
CA ARG B 131 -5.24 -6.37 27.78
C ARG B 131 -6.48 -6.34 28.61
N TRP B 132 -6.55 -7.17 29.64
CA TRP B 132 -7.80 -7.22 30.41
C TRP B 132 -7.95 -5.96 31.30
N ASP B 133 -6.83 -5.40 31.75
CA ASP B 133 -6.82 -4.04 32.36
C ASP B 133 -7.49 -3.03 31.44
N ARG B 134 -7.15 -3.09 30.15
CA ARG B 134 -7.72 -2.13 29.19
C ARG B 134 -9.19 -2.36 29.05
N TYR B 135 -9.59 -3.64 28.95
CA TYR B 135 -10.97 -4.00 28.77
C TYR B 135 -11.82 -3.66 30.05
N ALA B 136 -11.25 -3.95 31.23
CA ALA B 136 -11.77 -3.46 32.55
C ALA B 136 -12.00 -1.95 32.55
N ALA B 137 -10.95 -1.19 32.24
CA ALA B 137 -11.06 0.28 32.09
C ALA B 137 -12.10 0.76 31.06
N PHE B 138 -12.21 0.09 29.91
CA PHE B 138 -13.27 0.39 28.98
C PHE B 138 -14.61 0.01 29.63
N ALA B 139 -14.64 -1.10 30.37
CA ALA B 139 -15.90 -1.59 30.95
C ALA B 139 -16.47 -0.66 32.05
N GLU B 140 -15.60 -0.02 32.84
CA GLU B 140 -16.03 1.06 33.79
C GLU B 140 -16.71 2.23 33.08
N LYS B 141 -15.96 2.88 32.19
CA LYS B 141 -16.43 4.07 31.48
C LYS B 141 -17.80 3.88 30.79
N THR B 142 -18.29 2.65 30.69
CA THR B 142 -19.68 2.37 30.36
C THR B 142 -20.46 1.86 31.59
N ILE B 147 -17.08 -4.42 38.56
CA ILE B 147 -16.57 -5.77 38.32
C ILE B 147 -15.58 -6.26 39.42
N PRO B 148 -15.74 -7.51 39.90
CA PRO B 148 -14.78 -8.08 40.85
C PRO B 148 -13.33 -8.04 40.36
N ALA B 149 -12.38 -7.84 41.26
CA ALA B 149 -10.98 -7.81 40.87
C ALA B 149 -10.61 -9.15 40.24
N ILE B 150 -9.72 -9.10 39.25
CA ILE B 150 -9.39 -10.30 38.46
C ILE B 150 -7.96 -10.74 38.79
N PRO B 151 -7.83 -11.83 39.57
CA PRO B 151 -6.50 -12.28 39.97
C PRO B 151 -5.64 -12.61 38.76
N TYR B 152 -4.67 -11.74 38.47
CA TYR B 152 -3.82 -11.84 37.28
C TYR B 152 -3.04 -13.15 37.28
N GLU B 153 -2.82 -13.73 38.47
CA GLU B 153 -2.15 -15.02 38.61
C GLU B 153 -2.99 -16.18 38.00
N GLN B 154 -4.32 -16.08 38.10
CA GLN B 154 -5.23 -17.03 37.45
C GLN B 154 -5.35 -16.73 35.95
N LEU B 155 -5.87 -15.55 35.65
CA LEU B 155 -5.99 -15.08 34.27
C LEU B 155 -4.83 -15.46 33.38
N GLU B 156 -3.60 -15.21 33.83
CA GLU B 156 -2.42 -15.27 32.96
C GLU B 156 -1.97 -16.67 32.59
N GLU B 157 -2.49 -17.68 33.28
CA GLU B 157 -2.22 -19.10 32.93
C GLU B 157 -3.22 -19.68 31.91
N LEU B 158 -4.24 -18.91 31.53
CA LEU B 158 -5.32 -19.40 30.69
C LEU B 158 -5.04 -19.00 29.24
N ASP B 159 -5.49 -19.82 28.30
CA ASP B 159 -5.53 -19.42 26.90
C ASP B 159 -6.70 -18.48 26.66
N ASP B 160 -6.90 -18.01 25.44
CA ASP B 160 -7.89 -16.94 25.23
C ASP B 160 -9.31 -17.45 25.61
N GLU B 161 -9.57 -18.72 25.30
CA GLU B 161 -10.86 -19.31 25.65
C GLU B 161 -11.11 -19.22 27.14
N GLY B 162 -10.20 -19.79 27.92
CA GLY B 162 -10.31 -19.73 29.41
C GLY B 162 -10.40 -18.32 29.95
N GLN B 163 -9.57 -17.38 29.44
CA GLN B 163 -9.61 -15.98 29.83
C GLN B 163 -10.99 -15.37 29.68
N VAL B 164 -11.57 -15.49 28.50
CA VAL B 164 -12.86 -14.84 28.29
C VAL B 164 -13.97 -15.42 29.17
N ARG B 165 -13.98 -16.75 29.36
CA ARG B 165 -14.99 -17.40 30.20
C ARG B 165 -14.81 -16.95 31.66
N PHE B 166 -13.57 -16.89 32.11
CA PHE B 166 -13.27 -16.56 33.51
C PHE B 166 -13.77 -15.15 33.78
N VAL B 167 -13.55 -14.25 32.82
CA VAL B 167 -13.93 -12.86 32.90
C VAL B 167 -15.41 -12.72 32.78
N LEU B 168 -16.04 -13.47 31.86
CA LEU B 168 -17.52 -13.40 31.80
C LEU B 168 -18.23 -13.86 33.07
N ASP B 169 -17.63 -14.84 33.72
CA ASP B 169 -18.12 -15.34 34.99
C ASP B 169 -18.05 -14.29 36.10
N ALA B 170 -16.92 -13.60 36.19
CA ALA B 170 -16.78 -12.48 37.12
C ALA B 170 -17.85 -11.40 36.84
N VAL B 171 -18.02 -11.00 35.57
CA VAL B 171 -19.02 -10.02 35.25
C VAL B 171 -20.42 -10.45 35.68
N SER B 172 -20.75 -11.71 35.39
CA SER B 172 -22.05 -12.29 35.76
C SER B 172 -22.27 -12.27 37.25
N GLN B 173 -21.27 -12.70 38.01
CA GLN B 173 -21.40 -12.81 39.48
C GLN B 173 -21.60 -11.44 40.11
N SER B 174 -21.00 -10.41 39.51
CA SER B 174 -21.18 -9.04 39.97
C SER B 174 -22.64 -8.60 39.84
N GLY B 175 -23.42 -9.31 39.04
CA GLY B 175 -24.86 -9.11 38.93
C GLY B 175 -25.22 -8.20 37.78
N VAL B 176 -24.28 -7.93 36.89
CA VAL B 176 -24.58 -7.34 35.60
C VAL B 176 -25.23 -8.49 34.81
N GLN B 177 -26.32 -8.20 34.11
CA GLN B 177 -27.14 -9.24 33.53
C GLN B 177 -27.38 -8.95 32.03
N ILE B 178 -26.34 -9.22 31.25
CA ILE B 178 -26.38 -9.04 29.80
C ILE B 178 -27.05 -10.29 29.24
N PRO B 179 -27.90 -10.14 28.21
CA PRO B 179 -28.60 -11.34 27.65
C PRO B 179 -27.67 -12.44 27.15
N ALA B 180 -27.98 -13.70 27.45
CA ALA B 180 -27.06 -14.82 27.15
C ALA B 180 -26.69 -14.89 25.64
N GLY B 181 -27.69 -14.67 24.79
CA GLY B 181 -27.50 -14.65 23.34
C GLY B 181 -26.47 -13.65 22.88
N ILE B 182 -26.43 -12.51 23.52
CA ILE B 182 -25.49 -11.46 23.13
C ILE B 182 -24.14 -11.80 23.70
N ILE B 183 -24.07 -12.28 24.94
CA ILE B 183 -22.79 -12.75 25.48
C ILE B 183 -22.11 -13.78 24.59
N GLU B 184 -22.88 -14.75 24.13
CA GLU B 184 -22.30 -15.85 23.36
C GLU B 184 -21.86 -15.38 21.96
N HIS B 185 -22.64 -14.48 21.36
CA HIS B 185 -22.28 -13.87 20.07
C HIS B 185 -20.97 -13.11 20.21
N GLN B 186 -20.87 -12.34 21.29
CA GLN B 186 -19.68 -11.60 21.61
C GLN B 186 -18.47 -12.46 22.00
N ARG B 187 -18.72 -13.56 22.71
CA ARG B 187 -17.67 -14.46 23.07
C ARG B 187 -16.98 -15.10 21.85
N THR B 188 -17.79 -15.63 20.96
CA THR B 188 -17.22 -16.30 19.71
C THR B 188 -16.60 -15.26 18.78
N SER B 189 -17.19 -14.06 18.63
N SER B 189 -17.19 -14.07 18.64
CA SER B 189 -16.55 -13.00 17.87
CA SER B 189 -16.58 -13.02 17.83
C SER B 189 -15.16 -12.70 18.40
C SER B 189 -15.19 -12.66 18.38
N TYR B 190 -15.09 -12.57 19.72
CA TYR B 190 -13.81 -12.24 20.39
C TYR B 190 -12.76 -13.32 20.12
N LEU B 191 -13.11 -14.59 20.35
CA LEU B 191 -12.18 -15.69 20.16
C LEU B 191 -11.82 -15.89 18.68
N ASP B 192 -12.77 -15.71 17.78
CA ASP B 192 -12.43 -15.79 16.35
C ASP B 192 -11.41 -14.75 15.91
N ASN B 193 -11.62 -13.51 16.33
CA ASN B 193 -10.67 -12.41 16.12
C ASN B 193 -9.33 -12.61 16.78
N ARG B 194 -9.28 -13.10 18.01
CA ARG B 194 -8.00 -13.49 18.64
C ARG B 194 -7.22 -14.63 18.02
N ALA B 195 -7.94 -15.58 17.39
CA ALA B 195 -7.31 -16.65 16.66
C ALA B 195 -6.30 -16.15 15.64
N ILE B 196 -6.54 -14.99 15.08
CA ILE B 196 -5.69 -14.39 14.04
C ILE B 196 -4.27 -14.12 14.63
N ASP B 197 -4.17 -13.76 15.92
CA ASP B 197 -2.90 -13.43 16.54
C ASP B 197 -1.85 -14.49 16.43
N THR B 198 -2.24 -15.75 16.50
CA THR B 198 -1.25 -16.84 16.49
C THR B 198 -1.28 -17.62 15.18
N ALA B 199 -1.96 -17.10 14.16
CA ALA B 199 -2.01 -17.75 12.84
C ALA B 199 -0.58 -17.96 12.28
N GLN B 200 -0.23 -19.19 11.88
CA GLN B 200 1.07 -19.46 11.25
C GLN B 200 1.01 -19.06 9.80
N ILE B 201 1.37 -17.81 9.49
CA ILE B 201 1.34 -17.35 8.12
C ILE B 201 2.53 -17.89 7.28
N GLN B 202 2.25 -18.59 6.18
CA GLN B 202 3.25 -19.17 5.33
C GLN B 202 3.34 -18.38 4.03
N PRO B 203 4.46 -18.52 3.33
CA PRO B 203 4.59 -17.80 2.08
C PRO B 203 3.67 -18.36 1.04
N TYR B 204 3.18 -17.50 0.15
CA TYR B 204 2.25 -17.93 -0.88
C TYR B 204 2.83 -17.53 -2.20
N ASP B 205 2.73 -18.45 -3.17
CA ASP B 205 3.35 -18.31 -4.48
C ASP B 205 2.49 -17.76 -5.62
N GLY B 206 1.27 -17.32 -5.34
CA GLY B 206 0.35 -16.80 -6.39
C GLY B 206 -0.03 -15.35 -6.19
N HIS B 207 -1.03 -14.89 -6.97
CA HIS B 207 -1.37 -13.52 -6.97
C HIS B 207 -2.38 -13.28 -5.80
N VAL B 208 -2.11 -12.27 -5.00
CA VAL B 208 -3.06 -11.83 -3.94
C VAL B 208 -3.39 -10.38 -4.20
N THR B 209 -4.69 -10.06 -4.16
CA THR B 209 -5.15 -8.70 -4.23
C THR B 209 -5.67 -8.28 -2.83
N LEU B 210 -5.07 -7.22 -2.29
CA LEU B 210 -5.48 -6.67 -1.04
C LEU B 210 -6.17 -5.34 -1.29
N TYR B 211 -7.48 -5.29 -1.00
CA TYR B 211 -8.25 -4.10 -1.10
C TYR B 211 -8.09 -3.40 0.23
N MET B 212 -7.40 -2.25 0.20
CA MET B 212 -6.89 -1.59 1.41
C MET B 212 -7.61 -0.34 1.75
N ALA B 213 -8.29 -0.36 2.90
CA ALA B 213 -8.93 0.85 3.41
C ALA B 213 -7.85 1.78 3.98
N ASP B 214 -8.26 2.95 4.41
N ASP B 214 -8.27 2.95 4.40
CA ASP B 214 -7.31 3.88 5.04
CA ASP B 214 -7.33 3.86 5.05
C ASP B 214 -6.95 3.57 6.51
C ASP B 214 -6.91 3.42 6.45
N ARG B 215 -7.85 2.91 7.25
CA ARG B 215 -7.63 2.64 8.66
C ARG B 215 -8.71 1.69 9.21
N TYR B 216 -8.40 1.09 10.35
CA TYR B 216 -9.35 0.37 11.14
C TYR B 216 -10.30 1.33 11.84
N HIS B 217 -11.53 0.87 11.99
CA HIS B 217 -12.53 1.63 12.73
C HIS B 217 -12.24 1.52 14.22
N ASP B 218 -12.79 2.46 14.99
CA ASP B 218 -12.46 2.52 16.42
C ASP B 218 -12.71 1.25 17.23
N ASP B 219 -13.77 0.50 16.93
CA ASP B 219 -14.02 -0.78 17.65
C ASP B 219 -12.86 -1.73 17.49
N ALA B 220 -12.25 -1.75 16.32
CA ALA B 220 -11.09 -2.67 16.15
C ALA B 220 -9.91 -2.27 17.04
N ILE B 221 -9.70 -0.97 17.12
CA ILE B 221 -8.58 -0.42 17.94
C ILE B 221 -8.88 -0.63 19.43
N MET B 222 -10.13 -0.51 19.88
CA MET B 222 -10.51 -0.92 21.27
C MET B 222 -10.20 -2.39 21.50
N PHE B 223 -10.54 -3.23 20.52
CA PHE B 223 -10.26 -4.65 20.69
C PHE B 223 -8.74 -4.90 20.76
N GLU B 224 -7.98 -4.23 19.91
CA GLU B 224 -6.50 -4.41 19.86
C GLU B 224 -5.79 -3.18 19.35
N PRO B 225 -5.17 -2.39 20.26
CA PRO B 225 -4.66 -1.05 19.86
C PRO B 225 -3.60 -1.07 18.76
N ARG B 226 -2.92 -2.19 18.59
CA ARG B 226 -1.94 -2.38 17.55
C ARG B 226 -2.56 -2.25 16.17
N TYR B 227 -3.90 -2.35 16.06
CA TYR B 227 -4.63 -2.06 14.79
C TYR B 227 -4.70 -0.61 14.40
N ALA B 228 -4.22 0.27 15.28
CA ALA B 228 -4.17 1.70 15.01
C ALA B 228 -3.08 2.08 13.98
N VAL B 229 -2.11 1.20 13.78
CA VAL B 229 -1.04 1.36 12.83
C VAL B 229 -1.10 0.24 11.76
N ARG B 230 -1.05 0.63 10.51
CA ARG B 230 -0.92 -0.30 9.40
C ARG B 230 0.35 -0.06 8.63
N GLN B 231 0.94 -1.15 8.17
CA GLN B 231 2.06 -1.11 7.30
C GLN B 231 1.57 -0.95 5.85
N PRO B 232 2.41 -0.37 4.99
CA PRO B 232 1.97 -0.20 3.58
C PRO B 232 1.54 -1.52 2.82
N ASP B 233 2.14 -2.66 3.15
CA ASP B 233 1.83 -3.96 2.51
C ASP B 233 0.76 -4.76 3.28
N GLY B 234 0.18 -4.15 4.30
CA GLY B 234 -0.73 -4.78 5.23
C GLY B 234 -0.22 -5.95 6.03
N GLY B 235 1.10 -6.05 6.17
CA GLY B 235 1.76 -7.19 6.73
C GLY B 235 1.97 -8.36 5.78
N TRP B 236 1.51 -8.31 4.53
CA TRP B 236 1.62 -9.46 3.61
C TRP B 236 2.86 -9.54 2.73
N GLY B 237 3.58 -8.44 2.58
CA GLY B 237 4.62 -8.28 1.53
C GLY B 237 5.74 -9.30 1.66
N GLU B 238 6.21 -9.57 2.87
CA GLU B 238 7.23 -10.59 3.03
C GLU B 238 6.78 -12.06 2.80
N TYR B 239 5.47 -12.33 2.76
CA TYR B 239 4.93 -13.66 2.50
C TYR B 239 4.41 -13.85 1.11
N VAL B 240 4.08 -12.78 0.42
CA VAL B 240 3.53 -12.87 -0.87
C VAL B 240 4.30 -11.99 -1.83
N SER B 241 4.96 -12.59 -2.79
CA SER B 241 5.79 -11.80 -3.73
C SER B 241 4.93 -11.08 -4.74
N ASP B 242 3.91 -11.78 -5.27
CA ASP B 242 2.94 -11.20 -6.21
C ASP B 242 1.73 -10.59 -5.46
N LEU B 243 2.00 -9.54 -4.71
CA LEU B 243 0.99 -8.80 -3.95
C LEU B 243 0.57 -7.56 -4.69
N GLU B 244 -0.73 -7.39 -4.93
CA GLU B 244 -1.33 -6.12 -5.47
C GLU B 244 -2.18 -5.52 -4.35
N VAL B 245 -2.05 -4.22 -4.14
CA VAL B 245 -2.79 -3.48 -3.18
C VAL B 245 -3.68 -2.51 -3.94
N VAL B 246 -5.00 -2.57 -3.68
CA VAL B 246 -5.97 -1.63 -4.31
C VAL B 246 -6.49 -0.69 -3.21
N PRO B 247 -6.01 0.57 -3.19
CA PRO B 247 -6.50 1.41 -2.13
C PRO B 247 -7.98 1.77 -2.38
N ILE B 248 -8.80 1.59 -1.34
CA ILE B 248 -10.23 1.90 -1.41
C ILE B 248 -10.72 3.00 -0.50
N GLY B 249 -9.85 3.46 0.38
CA GLY B 249 -10.24 4.48 1.37
C GLY B 249 -11.16 3.97 2.48
N GLY B 250 -11.60 4.92 3.32
CA GLY B 250 -12.62 4.60 4.33
C GLY B 250 -12.08 3.78 5.47
N GLU B 251 -13.02 3.28 6.26
CA GLU B 251 -12.71 2.47 7.42
C GLU B 251 -12.89 1.00 7.07
N HIS B 252 -12.20 0.13 7.80
CA HIS B 252 -12.36 -1.31 7.64
C HIS B 252 -13.82 -1.80 7.66
N ILE B 253 -14.62 -1.25 8.56
CA ILE B 253 -16.00 -1.73 8.72
C ILE B 253 -16.88 -1.43 7.52
N GLN B 254 -16.55 -0.37 6.73
CA GLN B 254 -17.31 0.00 5.56
C GLN B 254 -16.90 -0.72 4.29
N ALA B 255 -15.70 -1.32 4.30
CA ALA B 255 -15.14 -1.91 3.06
C ALA B 255 -16.02 -2.97 2.36
N ILE B 256 -16.90 -3.60 3.12
CA ILE B 256 -17.74 -4.70 2.66
C ILE B 256 -19.10 -4.24 2.08
N ASP B 257 -19.41 -2.95 2.28
CA ASP B 257 -20.72 -2.38 2.06
C ASP B 257 -20.64 -1.35 0.94
N GLU B 258 -21.80 -1.02 0.37
CA GLU B 258 -21.89 0.07 -0.61
C GLU B 258 -21.60 1.39 0.12
N PRO B 259 -21.03 2.41 -0.51
CA PRO B 259 -20.59 2.43 -1.90
C PRO B 259 -19.23 1.76 -2.18
N ILE B 260 -18.39 1.55 -1.19
CA ILE B 260 -16.96 1.13 -1.38
C ILE B 260 -16.79 -0.25 -2.05
N ILE B 261 -17.78 -1.13 -1.84
CA ILE B 261 -17.77 -2.46 -2.39
C ILE B 261 -17.88 -2.46 -3.88
N ALA B 262 -18.47 -1.39 -4.42
CA ALA B 262 -18.58 -1.20 -5.86
C ALA B 262 -17.13 -1.10 -6.51
N LYS B 263 -16.24 -0.40 -5.83
CA LYS B 263 -14.87 -0.25 -6.26
C LYS B 263 -14.14 -1.61 -6.17
N VAL B 264 -14.35 -2.34 -5.10
CA VAL B 264 -13.85 -3.72 -4.97
C VAL B 264 -14.38 -4.63 -6.07
N GLY B 265 -15.68 -4.60 -6.32
CA GLY B 265 -16.27 -5.52 -7.27
C GLY B 265 -15.91 -5.18 -8.69
N GLU B 266 -15.72 -3.89 -8.99
CA GLU B 266 -15.30 -3.49 -10.33
C GLU B 266 -13.96 -4.09 -10.65
N HIS B 267 -12.99 -3.86 -9.78
CA HIS B 267 -11.71 -4.49 -9.89
C HIS B 267 -11.74 -6.05 -9.91
N MET B 268 -12.47 -6.66 -8.96
CA MET B 268 -12.51 -8.11 -8.89
C MET B 268 -13.15 -8.73 -10.16
N SER B 269 -14.16 -8.07 -10.73
CA SER B 269 -14.81 -8.58 -11.92
C SER B 269 -13.80 -8.64 -13.10
N ARG B 270 -12.92 -7.65 -13.20
CA ARG B 270 -11.88 -7.70 -14.28
C ARG B 270 -11.01 -8.90 -14.07
N ALA B 271 -10.61 -9.19 -12.84
CA ALA B 271 -9.80 -10.41 -12.58
C ALA B 271 -10.52 -11.70 -12.85
N LEU B 272 -11.81 -11.77 -12.48
CA LEU B 272 -12.60 -12.93 -12.82
C LEU B 272 -12.79 -13.10 -14.31
N GLY B 273 -12.93 -12.00 -15.06
CA GLY B 273 -13.14 -12.11 -16.52
C GLY B 273 -11.87 -12.64 -17.16
N GLN B 274 -10.71 -12.20 -16.68
CA GLN B 274 -9.51 -12.79 -17.21
C GLN B 274 -9.44 -14.31 -16.96
N ILE B 275 -9.84 -14.72 -15.76
CA ILE B 275 -9.82 -16.10 -15.41
C ILE B 275 -10.75 -16.86 -16.35
N GLU B 276 -11.96 -16.37 -16.60
CA GLU B 276 -12.85 -17.04 -17.53
C GLU B 276 -12.20 -17.13 -18.94
N ALA B 277 -11.61 -16.05 -19.41
CA ALA B 277 -11.01 -16.03 -20.75
C ALA B 277 -10.02 -17.18 -20.93
N ASP B 278 -9.15 -17.38 -19.95
CA ASP B 278 -8.12 -18.43 -20.02
C ASP B 278 -8.56 -19.85 -19.83
N ARG B 279 -9.83 -20.12 -19.57
CA ARG B 279 -10.28 -21.53 -19.50
C ARG B 279 -10.44 -22.13 -20.91
N THR B 280 -10.91 -21.26 -21.81
CA THR B 280 -11.33 -21.58 -23.17
C THR B 280 -10.45 -20.76 -24.11
#